data_1UKM
#
_entry.id   1UKM
#
_cell.length_a   46.570
_cell.length_b   59.933
_cell.length_c   115.743
_cell.angle_alpha   90.00
_cell.angle_beta   90.00
_cell.angle_gamma   90.00
#
_symmetry.space_group_name_H-M   'P 21 21 21'
#
loop_
_entity.id
_entity.type
_entity.pdbx_description
1 polymer 'EMS16 A chain'
2 polymer 'EMS16 B chain'
3 non-polymer 'CHLORIDE ION'
4 non-polymer GLYCEROL
5 non-polymer 2-acetamido-2-deoxy-beta-D-glucopyranose
6 water water
#
loop_
_entity_poly.entity_id
_entity_poly.type
_entity_poly.pdbx_seq_one_letter_code
_entity_poly.pdbx_strand_id
1 'polypeptide(L)'
;DFDCPSDWTAYDQHCYLAIGEPQNWYEAERFCTEQAKDGHLVSIQSREEGNFVAQLVSGFMHRSEIYVWIGLRDRREEQQ
CNPEWNDGSKIIYVNWKEGESKMCQGLTKWTNFHDWNNINCEDLYPFVCKFSAV
;
A
2 'polypeptide(L)'
;CPLGWSSFDQHCYKVFEPVKNWTEAEEICMQQHKGSRLASIHSSEEEAFVSKLASKALKFTSMWIGLNNPWKDCKWEWSD
NARFDYKAWKRRPYCTVMVVKPDRIFWFTRGCEKSVSFVCKFLTDPAV
;
B
#
loop_
_chem_comp.id
_chem_comp.type
_chem_comp.name
_chem_comp.formula
CL non-polymer 'CHLORIDE ION' 'Cl -1'
GOL non-polymer GLYCEROL 'C3 H8 O3'
NAG D-saccharide, beta linking 2-acetamido-2-deoxy-beta-D-glucopyranose 'C8 H15 N O6'
#
# COMPACT_ATOMS: atom_id res chain seq x y z
N ASP A 3 -21.67 -30.36 9.53
CA ASP A 3 -21.69 -29.47 10.73
C ASP A 3 -20.34 -28.81 10.99
N CYS A 4 -20.31 -27.94 11.98
CA CYS A 4 -19.09 -27.24 12.38
C CYS A 4 -19.01 -27.34 13.89
N PRO A 5 -17.79 -27.29 14.45
CA PRO A 5 -17.63 -27.38 15.90
C PRO A 5 -17.99 -26.11 16.65
N SER A 6 -18.26 -26.27 17.94
CA SER A 6 -18.56 -25.17 18.84
C SER A 6 -19.43 -24.07 18.23
N ASP A 7 -18.90 -22.85 18.19
CA ASP A 7 -19.63 -21.72 17.64
C ASP A 7 -19.22 -21.33 16.21
N TRP A 8 -18.53 -22.23 15.51
CA TRP A 8 -18.11 -21.95 14.13
C TRP A 8 -19.36 -22.01 13.24
N THR A 9 -19.37 -21.20 12.18
CA THR A 9 -20.52 -21.15 11.27
C THR A 9 -20.20 -21.84 9.94
N ALA A 10 -21.14 -22.64 9.45
CA ALA A 10 -20.96 -23.37 8.20
C ALA A 10 -21.39 -22.61 6.95
N TYR A 11 -20.68 -22.87 5.85
CA TYR A 11 -20.96 -22.28 4.55
C TYR A 11 -20.19 -23.05 3.49
N ASP A 12 -20.91 -23.46 2.45
CA ASP A 12 -20.35 -24.21 1.35
C ASP A 12 -19.28 -25.22 1.73
N GLN A 13 -19.63 -26.09 2.67
CA GLN A 13 -18.71 -27.15 3.13
C GLN A 13 -17.48 -26.70 3.93
N HIS A 14 -17.51 -25.49 4.46
CA HIS A 14 -16.41 -25.01 5.28
C HIS A 14 -16.96 -24.42 6.57
N CYS A 15 -16.08 -24.25 7.56
CA CYS A 15 -16.46 -23.68 8.83
C CYS A 15 -15.69 -22.38 9.02
N TYR A 16 -16.36 -21.37 9.56
CA TYR A 16 -15.76 -20.06 9.75
C TYR A 16 -15.98 -19.53 11.16
N LEU A 17 -15.08 -18.65 11.62
CA LEU A 17 -15.23 -18.06 12.94
C LEU A 17 -14.61 -16.68 12.94
N ALA A 18 -15.36 -15.69 13.42
CA ALA A 18 -14.83 -14.32 13.49
C ALA A 18 -14.11 -14.16 14.84
N ILE A 19 -12.90 -13.64 14.80
CA ILE A 19 -12.13 -13.46 16.05
C ILE A 19 -12.00 -11.96 16.37
N GLY A 20 -12.53 -11.56 17.52
CA GLY A 20 -12.50 -10.16 17.93
C GLY A 20 -11.20 -9.59 18.47
N GLU A 21 -10.37 -10.42 19.10
CA GLU A 21 -9.08 -9.94 19.64
C GLU A 21 -8.13 -9.61 18.49
N PRO A 22 -7.72 -8.34 18.35
CA PRO A 22 -6.82 -7.97 17.25
C PRO A 22 -5.40 -8.53 17.33
N GLN A 23 -4.88 -8.92 16.16
CA GLN A 23 -3.54 -9.48 15.99
C GLN A 23 -3.01 -8.98 14.65
N ASN A 24 -1.70 -9.05 14.41
CA ASN A 24 -1.22 -8.61 13.10
C ASN A 24 -1.51 -9.76 12.14
N TRP A 25 -1.29 -9.56 10.85
CA TRP A 25 -1.64 -10.60 9.87
C TRP A 25 -0.98 -11.96 10.16
N TYR A 26 0.32 -11.93 10.45
CA TYR A 26 1.05 -13.18 10.72
C TYR A 26 0.52 -13.93 11.95
N GLU A 27 0.25 -13.19 13.02
CA GLU A 27 -0.25 -13.77 14.27
C GLU A 27 -1.67 -14.30 14.08
N ALA A 28 -2.46 -13.62 13.26
CA ALA A 28 -3.84 -14.04 12.99
C ALA A 28 -3.82 -15.37 12.22
N GLU A 29 -2.98 -15.44 11.19
CA GLU A 29 -2.84 -16.67 10.40
C GLU A 29 -2.39 -17.81 11.31
N ARG A 30 -1.40 -17.55 12.16
CA ARG A 30 -0.90 -18.59 13.06
C ARG A 30 -2.03 -19.05 13.99
N PHE A 31 -2.77 -18.10 14.56
CA PHE A 31 -3.87 -18.41 15.44
C PHE A 31 -4.83 -19.36 14.71
N CYS A 32 -5.21 -19.01 13.48
CA CYS A 32 -6.12 -19.87 12.73
C CYS A 32 -5.52 -21.26 12.54
N THR A 33 -4.22 -21.35 12.29
CA THR A 33 -3.61 -22.67 12.11
C THR A 33 -3.58 -23.44 13.44
N GLU A 34 -3.55 -22.72 14.56
CA GLU A 34 -3.50 -23.42 15.85
C GLU A 34 -4.85 -23.75 16.45
N GLN A 35 -5.85 -22.91 16.19
CA GLN A 35 -7.16 -23.13 16.78
C GLN A 35 -8.14 -23.97 15.98
N ALA A 36 -7.74 -24.42 14.79
CA ALA A 36 -8.62 -25.25 14.00
C ALA A 36 -7.81 -26.23 13.17
N LYS A 37 -8.32 -27.44 12.99
CA LYS A 37 -7.58 -28.44 12.20
C LYS A 37 -7.44 -27.94 10.77
N ASP A 38 -6.19 -27.72 10.32
CA ASP A 38 -5.94 -27.24 8.95
C ASP A 38 -6.55 -25.85 8.73
N GLY A 39 -6.64 -25.07 9.81
CA GLY A 39 -7.21 -23.74 9.72
C GLY A 39 -6.26 -22.70 9.12
N HIS A 40 -6.84 -21.63 8.59
CA HIS A 40 -6.09 -20.52 8.00
C HIS A 40 -6.99 -19.30 8.03
N LEU A 41 -6.40 -18.13 7.83
CA LEU A 41 -7.20 -16.92 7.73
C LEU A 41 -8.11 -17.24 6.54
N VAL A 42 -9.29 -16.66 6.53
CA VAL A 42 -10.26 -16.93 5.47
C VAL A 42 -9.81 -16.60 4.05
N SER A 43 -10.18 -17.45 3.09
CA SER A 43 -9.91 -17.18 1.69
C SER A 43 -11.32 -16.94 1.16
N ILE A 44 -11.48 -15.93 0.30
CA ILE A 44 -12.78 -15.58 -0.23
C ILE A 44 -12.68 -15.73 -1.74
N GLN A 45 -13.36 -16.75 -2.24
CA GLN A 45 -13.27 -17.08 -3.65
C GLN A 45 -14.46 -16.75 -4.54
N SER A 46 -15.43 -16.04 -3.99
CA SER A 46 -16.60 -15.66 -4.77
C SER A 46 -17.37 -14.57 -4.07
N ARG A 47 -18.18 -13.86 -4.84
CA ARG A 47 -19.00 -12.79 -4.31
C ARG A 47 -19.95 -13.32 -3.23
N GLU A 48 -20.47 -14.52 -3.44
CA GLU A 48 -21.39 -15.13 -2.47
C GLU A 48 -20.70 -15.40 -1.14
N GLU A 49 -19.51 -15.97 -1.20
CA GLU A 49 -18.77 -16.25 0.02
C GLU A 49 -18.47 -14.92 0.70
N GLY A 50 -18.20 -13.88 -0.10
CA GLY A 50 -17.92 -12.57 0.47
C GLY A 50 -19.11 -11.99 1.24
N ASN A 51 -20.32 -12.20 0.72
CA ASN A 51 -21.50 -11.70 1.40
C ASN A 51 -21.71 -12.47 2.70
N PHE A 52 -21.42 -13.76 2.66
CA PHE A 52 -21.54 -14.58 3.86
C PHE A 52 -20.55 -14.08 4.91
N VAL A 53 -19.30 -13.87 4.50
CA VAL A 53 -18.28 -13.42 5.46
C VAL A 53 -18.62 -12.03 6.00
N ALA A 54 -19.13 -11.15 5.13
CA ALA A 54 -19.51 -9.82 5.57
C ALA A 54 -20.60 -9.91 6.64
N GLN A 55 -21.57 -10.81 6.45
CA GLN A 55 -22.63 -10.98 7.44
C GLN A 55 -22.03 -11.58 8.73
N LEU A 56 -21.07 -12.48 8.56
CA LEU A 56 -20.44 -13.10 9.73
C LEU A 56 -19.75 -12.07 10.62
N VAL A 57 -19.19 -11.03 10.01
CA VAL A 57 -18.49 -10.02 10.79
C VAL A 57 -19.29 -8.73 10.98
N SER A 58 -20.59 -8.79 10.69
CA SER A 58 -21.45 -7.61 10.84
C SER A 58 -21.37 -7.02 12.25
N GLY A 59 -21.04 -7.84 13.24
CA GLY A 59 -20.94 -7.31 14.58
C GLY A 59 -19.78 -6.34 14.78
N PHE A 60 -18.76 -6.47 13.94
CA PHE A 60 -17.60 -5.58 14.07
C PHE A 60 -17.88 -4.18 13.50
N MET A 61 -19.06 -3.98 12.90
CA MET A 61 -19.37 -2.65 12.36
C MET A 61 -19.47 -1.60 13.47
N HIS A 62 -19.74 -2.05 14.70
CA HIS A 62 -19.87 -1.11 15.81
C HIS A 62 -18.52 -0.77 16.45
N ARG A 63 -17.52 -1.62 16.23
CA ARG A 63 -16.21 -1.36 16.82
C ARG A 63 -15.44 -0.32 16.03
N SER A 64 -14.35 0.16 16.62
CA SER A 64 -13.51 1.17 15.99
C SER A 64 -12.61 0.67 14.85
N GLU A 65 -12.25 -0.62 14.85
CA GLU A 65 -11.40 -1.15 13.79
C GLU A 65 -12.02 -1.00 12.39
N ILE A 66 -11.24 -0.46 11.45
CA ILE A 66 -11.77 -0.27 10.12
C ILE A 66 -11.47 -1.40 9.15
N TYR A 67 -10.70 -2.39 9.58
CA TYR A 67 -10.39 -3.56 8.76
C TYR A 67 -10.50 -4.85 9.56
N VAL A 68 -10.65 -5.94 8.81
CA VAL A 68 -10.73 -7.31 9.33
C VAL A 68 -9.81 -8.14 8.43
N TRP A 69 -8.78 -8.78 8.99
CA TRP A 69 -7.86 -9.58 8.17
C TRP A 69 -8.47 -10.74 7.40
N ILE A 70 -7.98 -10.96 6.18
CA ILE A 70 -8.35 -12.13 5.38
C ILE A 70 -6.98 -12.72 5.00
N GLY A 71 -6.94 -13.95 4.50
CA GLY A 71 -5.65 -14.57 4.22
C GLY A 71 -4.91 -14.22 2.95
N LEU A 72 -5.09 -13.00 2.44
CA LEU A 72 -4.44 -12.62 1.19
C LEU A 72 -3.26 -11.69 1.41
N ARG A 73 -2.13 -12.00 0.79
CA ARG A 73 -0.97 -11.12 0.91
C ARG A 73 0.04 -11.39 -0.21
N ASP A 74 0.97 -10.45 -0.39
CA ASP A 74 2.04 -10.64 -1.37
C ASP A 74 3.21 -11.06 -0.47
N ARG A 75 3.70 -12.27 -0.69
CA ARG A 75 4.76 -12.86 0.12
C ARG A 75 6.21 -12.41 -0.09
N ARG A 76 6.45 -11.45 -0.98
CA ARG A 76 7.83 -11.05 -1.21
C ARG A 76 8.54 -10.40 -0.02
N GLU A 77 9.86 -10.32 -0.11
CA GLU A 77 10.62 -9.70 0.97
C GLU A 77 10.55 -8.17 0.90
N GLU A 78 10.40 -7.66 -0.32
CA GLU A 78 10.35 -6.22 -0.56
C GLU A 78 9.11 -5.54 0.04
N GLN A 79 9.20 -4.23 0.27
CA GLN A 79 8.09 -3.50 0.87
C GLN A 79 7.01 -3.02 -0.08
N GLN A 80 7.16 -3.31 -1.37
CA GLN A 80 6.14 -2.93 -2.34
C GLN A 80 6.35 -3.81 -3.58
N CYS A 81 5.46 -3.70 -4.55
CA CYS A 81 5.52 -4.56 -5.73
C CYS A 81 6.13 -4.02 -7.02
N ASN A 82 5.87 -2.75 -7.30
CA ASN A 82 6.34 -2.12 -8.54
C ASN A 82 7.85 -2.28 -8.65
N PRO A 83 8.34 -2.92 -9.73
CA PRO A 83 9.79 -3.10 -9.85
C PRO A 83 10.60 -1.88 -10.30
N GLU A 84 9.95 -0.88 -10.87
CA GLU A 84 10.68 0.28 -11.37
C GLU A 84 10.10 1.66 -11.11
N TRP A 85 10.98 2.65 -11.08
CA TRP A 85 10.55 4.02 -10.92
C TRP A 85 9.97 4.44 -12.27
N ASN A 86 9.32 5.59 -12.30
CA ASN A 86 8.75 6.16 -13.51
C ASN A 86 9.80 6.23 -14.63
N ASP A 87 11.05 6.49 -14.25
CA ASP A 87 12.12 6.62 -15.25
C ASP A 87 12.79 5.31 -15.68
N GLY A 88 12.25 4.18 -15.25
CA GLY A 88 12.82 2.89 -15.63
C GLY A 88 13.86 2.29 -14.69
N SER A 89 14.43 3.09 -13.80
CA SER A 89 15.43 2.56 -12.87
C SER A 89 14.78 1.63 -11.86
N LYS A 90 15.56 0.71 -11.32
CA LYS A 90 15.06 -0.25 -10.35
C LYS A 90 14.73 0.37 -9.00
N ILE A 91 13.66 -0.11 -8.39
CA ILE A 91 13.30 0.38 -7.07
C ILE A 91 14.04 -0.55 -6.10
N ILE A 92 14.95 0.02 -5.33
CA ILE A 92 15.71 -0.75 -4.35
C ILE A 92 15.57 0.07 -3.07
N TYR A 93 16.24 1.21 -3.00
CA TYR A 93 16.11 2.07 -1.84
C TYR A 93 14.70 2.62 -1.76
N VAL A 94 14.07 2.48 -0.58
CA VAL A 94 12.75 3.06 -0.32
C VAL A 94 12.77 3.57 1.11
N ASN A 95 11.89 4.51 1.41
CA ASN A 95 11.84 5.09 2.75
C ASN A 95 10.39 5.36 3.18
N TRP A 96 9.60 4.31 3.31
CA TRP A 96 8.20 4.46 3.72
C TRP A 96 8.07 4.80 5.19
N LYS A 97 7.11 5.65 5.50
CA LYS A 97 6.81 5.99 6.89
C LYS A 97 6.26 4.70 7.47
N GLU A 98 6.33 4.57 8.81
CA GLU A 98 5.77 3.39 9.45
C GLU A 98 4.32 3.27 8.99
N GLY A 99 3.91 2.05 8.64
CA GLY A 99 2.54 1.84 8.20
C GLY A 99 2.26 2.03 6.73
N GLU A 100 3.24 2.57 5.98
CA GLU A 100 3.03 2.82 4.56
C GLU A 100 3.40 1.70 3.61
N SER A 101 4.01 0.63 4.12
CA SER A 101 4.27 -0.54 3.28
C SER A 101 3.01 -1.38 3.55
N LYS A 102 2.21 -1.66 2.52
CA LYS A 102 0.94 -2.39 2.70
C LYS A 102 0.86 -3.60 1.80
N MET A 103 1.29 -4.73 2.35
CA MET A 103 1.35 -5.96 1.57
C MET A 103 0.40 -7.09 1.98
N CYS A 104 -0.47 -6.81 2.95
CA CYS A 104 -1.47 -7.79 3.44
C CYS A 104 -2.85 -7.18 3.23
N GLN A 105 -3.88 -8.01 3.13
CA GLN A 105 -5.21 -7.48 2.87
C GLN A 105 -6.26 -7.77 3.94
N GLY A 106 -7.23 -6.85 4.05
CA GLY A 106 -8.33 -6.99 4.99
C GLY A 106 -9.64 -6.44 4.42
N LEU A 107 -10.77 -6.84 5.01
CA LEU A 107 -12.11 -6.38 4.59
C LEU A 107 -12.24 -4.93 5.05
N THR A 108 -12.97 -4.09 4.31
CA THR A 108 -13.09 -2.68 4.71
C THR A 108 -14.41 -2.29 5.34
N LYS A 109 -14.32 -1.59 6.47
CA LYS A 109 -15.53 -1.16 7.17
C LYS A 109 -16.46 -0.27 6.35
N TRP A 110 -15.88 0.56 5.49
CA TRP A 110 -16.69 1.46 4.65
C TRP A 110 -17.65 0.76 3.71
N THR A 111 -17.32 -0.47 3.33
CA THR A 111 -18.18 -1.24 2.44
C THR A 111 -18.87 -2.35 3.22
N ASN A 112 -19.03 -2.14 4.53
CA ASN A 112 -19.65 -3.12 5.41
C ASN A 112 -18.90 -4.44 5.31
N PHE A 113 -17.58 -4.34 5.15
CA PHE A 113 -16.69 -5.51 5.05
C PHE A 113 -16.86 -6.41 3.85
N HIS A 114 -17.11 -5.80 2.69
CA HIS A 114 -17.25 -6.51 1.43
C HIS A 114 -15.99 -6.37 0.56
N ASP A 115 -15.52 -5.15 0.38
CA ASP A 115 -14.33 -4.92 -0.44
C ASP A 115 -13.07 -5.15 0.38
N TRP A 116 -11.94 -5.32 -0.31
CA TRP A 116 -10.68 -5.55 0.38
C TRP A 116 -9.71 -4.42 0.12
N ASN A 117 -8.80 -4.20 1.06
CA ASN A 117 -7.78 -3.19 0.84
C ASN A 117 -6.44 -3.71 1.33
N ASN A 118 -5.33 -3.31 0.68
CA ASN A 118 -4.02 -3.75 1.16
C ASN A 118 -3.62 -2.78 2.28
N ILE A 119 -3.18 -3.33 3.40
CA ILE A 119 -2.81 -2.52 4.56
C ILE A 119 -1.54 -3.06 5.22
N ASN A 120 -1.06 -2.37 6.25
CA ASN A 120 0.15 -2.77 6.95
C ASN A 120 0.03 -4.12 7.68
N CYS A 121 0.81 -5.11 7.24
CA CYS A 121 0.80 -6.45 7.84
C CYS A 121 1.03 -6.44 9.36
N GLU A 122 1.76 -5.45 9.87
CA GLU A 122 2.03 -5.38 11.31
C GLU A 122 0.94 -4.73 12.16
N ASP A 123 -0.05 -4.13 11.51
CA ASP A 123 -1.16 -3.49 12.21
C ASP A 123 -2.03 -4.57 12.88
N LEU A 124 -2.74 -4.19 13.94
CA LEU A 124 -3.59 -5.13 14.68
C LEU A 124 -5.07 -5.00 14.35
N TYR A 125 -5.68 -6.10 13.94
CA TYR A 125 -7.10 -6.10 13.57
C TYR A 125 -7.75 -7.43 13.89
N PRO A 126 -9.08 -7.43 14.02
CA PRO A 126 -9.80 -8.66 14.30
C PRO A 126 -9.69 -9.43 12.98
N PHE A 127 -10.14 -10.68 12.95
CA PHE A 127 -9.99 -11.47 11.73
C PHE A 127 -10.96 -12.64 11.64
N VAL A 128 -10.86 -13.38 10.54
CA VAL A 128 -11.73 -14.54 10.35
C VAL A 128 -10.93 -15.77 9.96
N CYS A 129 -11.22 -16.89 10.62
CA CYS A 129 -10.55 -18.16 10.34
C CYS A 129 -11.52 -19.03 9.55
N LYS A 130 -10.97 -19.98 8.82
CA LYS A 130 -11.74 -20.89 7.98
C LYS A 130 -11.03 -22.23 7.89
N PHE A 131 -11.79 -23.32 7.83
CA PHE A 131 -11.20 -24.64 7.64
C PHE A 131 -12.22 -25.53 6.97
N SER A 132 -11.75 -26.61 6.36
CA SER A 132 -12.63 -27.52 5.66
C SER A 132 -13.23 -28.55 6.61
N ALA A 133 -14.53 -28.75 6.52
CA ALA A 133 -15.22 -29.72 7.36
C ALA A 133 -15.08 -31.10 6.71
N CYS B 1 24.03 23.07 -14.58
CA CYS B 1 22.55 23.05 -14.82
C CYS B 1 22.01 24.41 -15.20
N PRO B 2 20.85 24.44 -15.88
CA PRO B 2 20.24 25.72 -16.29
C PRO B 2 19.73 26.51 -15.10
N LEU B 3 19.50 27.80 -15.35
CA LEU B 3 19.00 28.73 -14.35
C LEU B 3 17.81 28.14 -13.62
N GLY B 4 17.86 28.17 -12.29
CA GLY B 4 16.76 27.64 -11.49
C GLY B 4 16.90 26.18 -11.11
N TRP B 5 17.81 25.48 -11.77
CA TRP B 5 18.04 24.07 -11.46
C TRP B 5 19.31 23.89 -10.63
N SER B 6 19.27 22.95 -9.70
CA SER B 6 20.40 22.68 -8.82
C SER B 6 21.11 21.40 -9.20
N SER B 7 22.44 21.39 -9.06
CA SER B 7 23.25 20.24 -9.46
C SER B 7 23.61 19.28 -8.33
N PHE B 8 23.48 17.99 -8.59
CA PHE B 8 23.85 16.97 -7.61
C PHE B 8 24.23 15.72 -8.39
N ASP B 9 25.48 15.30 -8.22
CA ASP B 9 25.96 14.08 -8.89
C ASP B 9 25.50 13.92 -10.35
N GLN B 10 25.90 14.87 -11.21
CA GLN B 10 25.56 14.82 -12.62
C GLN B 10 24.09 14.96 -13.01
N HIS B 11 23.22 15.26 -12.04
CA HIS B 11 21.81 15.46 -12.33
C HIS B 11 21.38 16.85 -11.96
N CYS B 12 20.29 17.29 -12.55
CA CYS B 12 19.75 18.61 -12.28
C CYS B 12 18.36 18.46 -11.68
N TYR B 13 18.14 19.19 -10.58
CA TYR B 13 16.87 19.13 -9.87
C TYR B 13 16.21 20.48 -9.72
N LYS B 14 14.88 20.46 -9.64
CA LYS B 14 14.12 21.69 -9.43
C LYS B 14 12.76 21.39 -8.82
N VAL B 15 12.44 22.09 -7.73
CA VAL B 15 11.17 21.91 -7.06
C VAL B 15 10.15 22.94 -7.55
N PHE B 16 8.94 22.48 -7.84
CA PHE B 16 7.86 23.35 -8.31
C PHE B 16 6.78 23.44 -7.24
N GLU B 17 6.45 24.67 -6.82
CA GLU B 17 5.42 24.84 -5.77
C GLU B 17 3.96 24.67 -6.18
N PRO B 18 3.53 25.28 -7.29
CA PRO B 18 2.13 25.14 -7.71
C PRO B 18 1.66 23.69 -7.79
N VAL B 19 0.74 23.32 -6.90
CA VAL B 19 0.23 21.95 -6.82
C VAL B 19 -0.40 21.41 -8.10
N LYS B 20 -0.21 20.11 -8.33
CA LYS B 20 -0.71 19.42 -9.52
C LYS B 20 -0.89 17.94 -9.17
N ASN B 21 -1.73 17.22 -9.91
CA ASN B 21 -1.87 15.78 -9.63
C ASN B 21 -0.64 15.13 -10.24
N TRP B 22 -0.38 13.87 -9.89
CA TRP B 22 0.82 13.17 -10.36
C TRP B 22 1.08 13.17 -11.87
N THR B 23 0.07 12.89 -12.67
CA THR B 23 0.29 12.82 -14.12
C THR B 23 0.60 14.15 -14.77
N GLU B 24 -0.05 15.22 -14.32
CA GLU B 24 0.24 16.52 -14.91
C GLU B 24 1.60 17.00 -14.41
N ALA B 25 1.99 16.59 -13.21
CA ALA B 25 3.29 16.97 -12.68
C ALA B 25 4.37 16.29 -13.51
N GLU B 26 4.14 15.03 -13.88
CA GLU B 26 5.08 14.28 -14.68
C GLU B 26 5.21 14.94 -16.05
N GLU B 27 4.07 15.34 -16.61
CA GLU B 27 4.06 15.98 -17.93
C GLU B 27 4.84 17.29 -17.88
N ILE B 28 4.55 18.09 -16.87
CA ILE B 28 5.22 19.37 -16.68
C ILE B 28 6.73 19.17 -16.57
N CYS B 29 7.15 18.10 -15.91
CA CYS B 29 8.59 17.83 -15.79
C CYS B 29 9.17 17.51 -17.15
N MET B 30 8.48 16.66 -17.91
CA MET B 30 8.97 16.29 -19.23
C MET B 30 9.10 17.49 -20.16
N GLN B 31 8.25 18.50 -19.96
CA GLN B 31 8.26 19.70 -20.78
C GLN B 31 9.44 20.62 -20.49
N GLN B 32 9.86 20.67 -19.22
CA GLN B 32 10.97 21.53 -18.81
C GLN B 32 12.32 21.22 -19.44
N HIS B 33 12.57 19.98 -19.80
CA HIS B 33 13.87 19.64 -20.37
C HIS B 33 13.92 18.19 -20.82
N LYS B 34 14.86 17.88 -21.71
CA LYS B 34 15.00 16.52 -22.21
C LYS B 34 15.46 15.59 -21.10
N GLY B 35 14.81 14.43 -20.99
CA GLY B 35 15.17 13.46 -19.97
C GLY B 35 14.68 13.80 -18.57
N SER B 36 13.86 14.83 -18.46
CA SER B 36 13.31 15.28 -17.17
C SER B 36 11.98 14.59 -16.81
N ARG B 37 11.90 14.11 -15.58
CA ARG B 37 10.68 13.45 -15.09
C ARG B 37 10.64 13.67 -13.59
N LEU B 38 9.56 13.27 -12.94
CA LEU B 38 9.48 13.42 -11.49
C LEU B 38 10.68 12.63 -10.97
N ALA B 39 11.33 13.14 -9.94
CA ALA B 39 12.53 12.50 -9.43
C ALA B 39 12.43 11.14 -8.79
N SER B 40 13.30 10.24 -9.23
CA SER B 40 13.39 8.94 -8.60
C SER B 40 14.38 9.25 -7.46
N ILE B 41 14.31 8.53 -6.35
CA ILE B 41 15.18 8.76 -5.21
C ILE B 41 15.88 7.43 -4.94
N HIS B 42 17.17 7.37 -5.25
CA HIS B 42 17.91 6.14 -5.15
C HIS B 42 18.74 5.86 -3.92
N SER B 43 18.86 6.84 -3.02
CA SER B 43 19.65 6.60 -1.82
C SER B 43 19.29 7.65 -0.79
N SER B 44 19.73 7.44 0.45
CA SER B 44 19.43 8.44 1.48
C SER B 44 20.18 9.73 1.18
N GLU B 45 21.33 9.63 0.51
CA GLU B 45 22.09 10.84 0.20
C GLU B 45 21.37 11.68 -0.85
N GLU B 46 20.84 11.02 -1.88
CA GLU B 46 20.10 11.79 -2.89
C GLU B 46 18.86 12.36 -2.21
N GLU B 47 18.25 11.54 -1.36
CA GLU B 47 17.05 11.96 -0.67
C GLU B 47 17.27 13.20 0.18
N ALA B 48 18.39 13.21 0.91
CA ALA B 48 18.71 14.34 1.78
C ALA B 48 18.85 15.64 0.99
N PHE B 49 19.56 15.56 -0.13
CA PHE B 49 19.76 16.74 -0.97
C PHE B 49 18.44 17.26 -1.48
N VAL B 50 17.66 16.39 -2.11
CA VAL B 50 16.37 16.81 -2.63
C VAL B 50 15.49 17.39 -1.51
N SER B 51 15.59 16.83 -0.31
CA SER B 51 14.80 17.36 0.79
C SER B 51 15.17 18.79 1.18
N LYS B 52 16.46 19.08 1.28
CA LYS B 52 16.90 20.42 1.65
C LYS B 52 16.50 21.39 0.56
N LEU B 53 16.55 20.91 -0.67
CA LEU B 53 16.19 21.73 -1.81
C LEU B 53 14.70 22.11 -1.72
N ALA B 54 13.88 21.12 -1.36
CA ALA B 54 12.45 21.35 -1.23
C ALA B 54 12.12 22.33 -0.11
N SER B 55 12.85 22.22 1.00
CA SER B 55 12.61 23.11 2.12
C SER B 55 12.78 24.58 1.76
N LYS B 56 13.65 24.86 0.79
CA LYS B 56 13.87 26.24 0.36
C LYS B 56 12.73 26.72 -0.52
N ALA B 57 12.15 25.80 -1.28
CA ALA B 57 11.07 26.16 -2.20
C ALA B 57 9.64 25.99 -1.70
N LEU B 58 9.43 25.15 -0.71
CA LEU B 58 8.07 24.89 -0.23
C LEU B 58 7.78 25.23 1.24
N LYS B 59 6.68 25.94 1.48
CA LYS B 59 6.29 26.26 2.84
C LYS B 59 5.79 24.94 3.45
N PHE B 60 4.98 24.21 2.67
CA PHE B 60 4.46 22.90 3.10
C PHE B 60 5.31 21.90 2.30
N THR B 61 6.33 21.37 2.97
CA THR B 61 7.26 20.49 2.30
C THR B 61 6.89 19.05 2.02
N SER B 62 5.93 18.88 1.13
CA SER B 62 5.48 17.56 0.70
C SER B 62 5.56 17.64 -0.82
N MET B 63 6.04 16.57 -1.46
CA MET B 63 6.15 16.61 -2.93
C MET B 63 6.04 15.25 -3.58
N TRP B 64 5.48 15.23 -4.78
CA TRP B 64 5.39 13.99 -5.52
C TRP B 64 6.80 13.58 -5.95
N ILE B 65 7.11 12.29 -5.89
CA ILE B 65 8.37 11.81 -6.43
C ILE B 65 7.97 10.81 -7.53
N GLY B 66 8.94 10.23 -8.24
CA GLY B 66 8.61 9.37 -9.37
C GLY B 66 8.07 7.97 -9.21
N LEU B 67 7.38 7.69 -8.11
CA LEU B 67 6.86 6.35 -7.92
C LEU B 67 5.34 6.33 -7.99
N ASN B 68 4.80 6.00 -9.17
CA ASN B 68 3.35 5.90 -9.37
C ASN B 68 3.00 4.43 -9.19
N ASN B 69 1.97 4.18 -8.39
CA ASN B 69 1.50 2.84 -8.09
C ASN B 69 2.49 1.85 -7.50
N PRO B 70 2.73 1.95 -6.19
CA PRO B 70 3.67 1.00 -5.61
C PRO B 70 3.14 -0.44 -5.66
N TRP B 71 1.84 -0.60 -5.92
CA TRP B 71 1.24 -1.92 -5.97
C TRP B 71 0.93 -2.40 -7.38
N LYS B 72 1.83 -2.06 -8.29
CA LYS B 72 1.72 -2.49 -9.67
C LYS B 72 2.43 -3.85 -9.71
N ASP B 73 1.80 -4.83 -10.35
CA ASP B 73 2.38 -6.17 -10.46
C ASP B 73 2.58 -6.95 -9.16
N CYS B 74 1.66 -6.79 -8.21
CA CYS B 74 1.78 -7.56 -6.98
C CYS B 74 1.36 -9.00 -7.32
N LYS B 75 1.72 -9.94 -6.46
CA LYS B 75 1.35 -11.34 -6.63
C LYS B 75 0.58 -11.72 -5.37
N TRP B 76 -0.74 -11.51 -5.40
CA TRP B 76 -1.57 -11.83 -4.24
C TRP B 76 -1.80 -13.33 -4.12
N GLU B 77 -1.54 -13.88 -2.94
CA GLU B 77 -1.74 -15.31 -2.68
C GLU B 77 -2.53 -15.55 -1.39
N TRP B 78 -3.33 -16.61 -1.37
CA TRP B 78 -4.10 -16.97 -0.18
C TRP B 78 -3.21 -17.85 0.71
N SER B 79 -3.26 -17.63 2.02
CA SER B 79 -2.45 -18.45 2.93
C SER B 79 -2.83 -19.94 2.88
N ASP B 80 -4.04 -20.25 2.43
CA ASP B 80 -4.41 -21.67 2.35
C ASP B 80 -4.06 -22.22 0.96
N ASN B 81 -3.39 -21.39 0.18
CA ASN B 81 -2.94 -21.71 -1.17
C ASN B 81 -4.00 -22.00 -2.21
N ALA B 82 -5.23 -21.57 -1.94
CA ALA B 82 -6.31 -21.73 -2.91
C ALA B 82 -5.88 -20.83 -4.07
N ARG B 83 -6.39 -21.10 -5.26
CA ARG B 83 -6.02 -20.29 -6.42
C ARG B 83 -6.57 -18.87 -6.32
N PHE B 84 -5.75 -17.89 -6.72
CA PHE B 84 -6.20 -16.51 -6.69
C PHE B 84 -6.86 -16.16 -8.01
N ASP B 85 -8.14 -15.82 -7.96
CA ASP B 85 -8.90 -15.44 -9.15
C ASP B 85 -9.88 -14.34 -8.76
N TYR B 86 -10.94 -14.73 -8.06
CA TYR B 86 -11.91 -13.74 -7.60
C TYR B 86 -11.18 -12.73 -6.72
N LYS B 87 -11.50 -11.46 -6.88
CA LYS B 87 -10.87 -10.46 -6.04
C LYS B 87 -11.78 -9.26 -5.85
N ALA B 88 -11.76 -8.71 -4.64
CA ALA B 88 -12.55 -7.54 -4.34
C ALA B 88 -11.62 -6.40 -3.93
N TRP B 89 -10.36 -6.48 -4.37
CA TRP B 89 -9.38 -5.43 -4.09
C TRP B 89 -9.55 -4.45 -5.24
N LYS B 90 -10.01 -3.25 -4.93
CA LYS B 90 -10.27 -2.24 -5.98
C LYS B 90 -9.63 -0.89 -5.71
N ARG B 91 -8.41 -0.90 -5.18
CA ARG B 91 -7.69 0.32 -4.91
C ARG B 91 -7.38 1.07 -6.23
N ARG B 92 -7.74 2.35 -6.30
CA ARG B 92 -7.47 3.15 -7.49
C ARG B 92 -5.97 3.47 -7.51
N PRO B 93 -5.47 4.08 -8.58
CA PRO B 93 -4.04 4.40 -8.62
C PRO B 93 -3.59 5.35 -7.50
N TYR B 94 -2.56 4.93 -6.76
CA TYR B 94 -2.01 5.76 -5.69
C TYR B 94 -0.58 6.11 -6.11
N CYS B 95 -0.12 7.26 -5.66
CA CYS B 95 1.20 7.76 -6.02
C CYS B 95 2.00 8.14 -4.77
N THR B 96 3.32 8.26 -4.92
CA THR B 96 4.19 8.54 -3.78
C THR B 96 4.58 9.98 -3.49
N VAL B 97 4.39 10.38 -2.23
CA VAL B 97 4.71 11.72 -1.74
C VAL B 97 5.87 11.67 -0.76
N MET B 98 6.88 12.52 -0.95
CA MET B 98 7.99 12.54 -0.02
C MET B 98 7.73 13.72 0.91
N VAL B 99 7.78 13.47 2.21
CA VAL B 99 7.53 14.51 3.19
C VAL B 99 8.80 14.82 3.98
N VAL B 100 9.05 16.11 4.16
CA VAL B 100 10.21 16.56 4.89
C VAL B 100 9.78 17.18 6.22
N LYS B 101 10.19 16.54 7.31
CA LYS B 101 9.88 17.02 8.66
C LYS B 101 11.17 17.57 9.27
N PRO B 102 11.06 18.27 10.41
CA PRO B 102 12.28 18.82 11.02
C PRO B 102 13.24 17.75 11.51
N ASP B 103 12.69 16.60 11.88
CA ASP B 103 13.50 15.52 12.43
C ASP B 103 13.68 14.32 11.50
N ARG B 104 13.03 14.34 10.34
CA ARG B 104 13.17 13.23 9.41
C ARG B 104 12.42 13.43 8.12
N ILE B 105 12.64 12.47 7.23
CA ILE B 105 12.02 12.45 5.90
C ILE B 105 11.34 11.10 5.78
N PHE B 106 10.15 11.05 5.17
CA PHE B 106 9.49 9.77 4.98
C PHE B 106 8.59 9.87 3.76
N TRP B 107 8.17 8.72 3.25
CA TRP B 107 7.30 8.71 2.09
C TRP B 107 5.96 8.09 2.49
N PHE B 108 4.89 8.53 1.83
CA PHE B 108 3.58 7.94 2.07
C PHE B 108 2.84 8.02 0.73
N THR B 109 1.70 7.35 0.63
CA THR B 109 0.97 7.37 -0.63
C THR B 109 -0.33 8.14 -0.59
N ARG B 110 -0.72 8.69 -1.73
CA ARG B 110 -1.97 9.43 -1.86
C ARG B 110 -2.55 9.15 -3.23
N GLY B 111 -3.87 9.32 -3.36
CA GLY B 111 -4.51 9.10 -4.65
C GLY B 111 -3.75 9.95 -5.66
N CYS B 112 -3.46 9.39 -6.83
CA CYS B 112 -2.70 10.12 -7.84
C CYS B 112 -3.46 11.37 -8.33
N GLU B 113 -4.76 11.43 -8.05
CA GLU B 113 -5.58 12.55 -8.47
C GLU B 113 -5.44 13.75 -7.54
N LYS B 114 -4.83 13.56 -6.37
CA LYS B 114 -4.65 14.66 -5.43
C LYS B 114 -3.64 15.66 -6.02
N SER B 115 -3.63 16.88 -5.47
CA SER B 115 -2.70 17.90 -5.96
C SER B 115 -1.60 18.15 -4.95
N VAL B 116 -0.36 17.99 -5.39
CA VAL B 116 0.80 18.15 -4.55
C VAL B 116 1.91 18.89 -5.30
N SER B 117 2.81 19.56 -4.58
CA SER B 117 3.93 20.22 -5.23
C SER B 117 4.79 19.05 -5.70
N PHE B 118 5.83 19.31 -6.48
CA PHE B 118 6.64 18.20 -6.99
C PHE B 118 8.07 18.60 -7.26
N VAL B 119 8.88 17.61 -7.63
CA VAL B 119 10.29 17.85 -7.92
C VAL B 119 10.70 17.08 -9.18
N CYS B 120 11.39 17.77 -10.10
CA CYS B 120 11.85 17.16 -11.35
C CYS B 120 13.35 16.88 -11.36
N LYS B 121 13.77 15.94 -12.19
CA LYS B 121 15.15 15.53 -12.28
C LYS B 121 15.55 15.03 -13.67
N PHE B 122 16.76 15.34 -14.09
CA PHE B 122 17.25 14.87 -15.38
C PHE B 122 18.76 14.78 -15.38
N LEU B 123 19.30 13.89 -16.20
CA LEU B 123 20.73 13.66 -16.32
C LEU B 123 21.34 14.79 -17.14
N THR B 124 22.31 15.48 -16.56
CA THR B 124 22.95 16.60 -17.24
C THR B 124 23.62 16.15 -18.55
CL CL C . 1.01 -17.22 3.63
C1 GOL D . 10.56 -3.78 -5.78
O1 GOL D . 9.47 -2.91 -5.50
C2 GOL D . 10.09 -5.10 -6.35
O2 GOL D . 9.25 -5.75 -5.43
C3 GOL D . 11.29 -5.97 -6.68
O3 GOL D . 10.88 -7.21 -7.24
C1 GOL E . 1.32 11.75 6.26
O1 GOL E . 1.82 10.63 6.97
C2 GOL E . 1.57 13.05 7.02
O2 GOL E . 0.52 13.30 7.95
C3 GOL E . 1.72 14.19 6.02
O3 GOL E . 2.03 15.43 6.66
C1 GOL F . -22.88 -25.48 11.78
O1 GOL F . -22.63 -26.36 12.85
C2 GOL F . -23.54 -24.19 12.26
O2 GOL F . -24.79 -24.48 12.88
C3 GOL F . -23.73 -23.24 11.10
O3 GOL F . -24.30 -22.01 11.52
C1 NAG G . -4.76 15.25 -13.67
C2 NAG G . -5.85 14.19 -13.80
C3 NAG G . -6.13 13.95 -15.28
C4 NAG G . -6.58 15.25 -15.90
C5 NAG G . -5.47 16.29 -15.72
C6 NAG G . -5.86 17.65 -16.29
C7 NAG G . -6.19 12.37 -12.26
C8 NAG G . -5.68 11.09 -11.63
N2 NAG G . -5.42 12.95 -13.16
O3 NAG G . -7.15 12.97 -15.42
O4 NAG G . -6.86 15.06 -17.28
O5 NAG G . -5.19 16.48 -14.31
O6 NAG G . -6.51 18.45 -15.30
O7 NAG G . -7.28 12.83 -11.90
C1 GOL H . -5.19 6.15 1.97
O1 GOL H . -6.33 6.85 1.51
C2 GOL H . -5.54 4.91 2.83
O2 GOL H . -5.11 5.15 4.17
C3 GOL H . -4.84 3.70 2.24
O3 GOL H . -5.05 2.50 2.98
#